data_5YLX
#
_entry.id   5YLX
#
_cell.length_a   66.058
_cell.length_b   74.059
_cell.length_c   98.596
_cell.angle_alpha   90.00
_cell.angle_beta   90.00
_cell.angle_gamma   90.00
#
_symmetry.space_group_name_H-M   'P 21 21 21'
#
loop_
_entity.id
_entity.type
_entity.pdbx_description
1 polymer 'MHC class I antigen'
2 polymer Beta-2-microglobulin
3 polymer 'PRRSV-NSP9-TMP9 peptide'
4 water water
#
loop_
_entity_poly.entity_id
_entity_poly.type
_entity_poly.pdbx_seq_one_letter_code
_entity_poly.pdbx_strand_id
1 'polypeptide(L)'
;GPHSLSYFSTAVSRPDRGDSRFIAVGYVDDTQFVRFDSDAPNPRMEPRVPWIQQEGQEYWAEETRKVKDNAQTYRVNLKA
LRGYYNQSVAGSHTLQSMFGCYLGPDGLLLHGYRQDAYDGADYIALNEDLRSWTAADMAAQITKRKWEAADAAEQMRSYL
QGLCVESLRKYLEMGKDTLQRAEPPKTHVTRHPSSDLGATLRCWALGFYPKEISLTWQREGQDQSQDMELVETRPSGDGT
FQKWAALVVPPGEEQSYTCHVQHEGLQEPLTLRWD
;
A
2 'polypeptide(L)'
;VARPPKVQVYSRHPAENGKPNYLNCYVSGFHPPQIEIDLLKNGEKMNAEQSDLSFSKDWSFYLLVHTEFTPNAVDQYSCR
VKHVTLDKPKIVKWDRDH
;
B
3 'polypeptide(L)' TMPPGFELY C
#
# COMPACT_ATOMS: atom_id res chain seq x y z
N GLY A 1 13.31 -10.28 -13.68
CA GLY A 1 12.33 -9.60 -12.85
C GLY A 1 12.86 -9.15 -11.51
N PRO A 2 12.26 -9.66 -10.42
CA PRO A 2 11.16 -10.60 -10.45
C PRO A 2 9.80 -9.91 -10.33
N HIS A 3 8.84 -10.31 -11.16
CA HIS A 3 7.48 -9.83 -11.02
C HIS A 3 6.79 -10.60 -9.90
N SER A 4 5.66 -10.09 -9.43
CA SER A 4 4.95 -10.75 -8.33
C SER A 4 3.45 -10.63 -8.43
N LEU A 5 2.77 -11.65 -7.88
CA LEU A 5 1.34 -11.60 -7.65
C LEU A 5 1.13 -11.77 -6.15
N SER A 6 0.34 -10.90 -5.54
CA SER A 6 0.13 -10.96 -4.10
C SER A 6 -1.25 -10.50 -3.69
N TYR A 7 -1.71 -11.01 -2.54
CA TYR A 7 -2.99 -10.61 -1.98
C TYR A 7 -2.82 -10.14 -0.54
N PHE A 8 -3.60 -9.13 -0.18
CA PHE A 8 -3.59 -8.61 1.18
C PHE A 8 -5.02 -8.57 1.67
N SER A 9 -5.29 -9.25 2.78
CA SER A 9 -6.64 -9.30 3.31
C SER A 9 -6.69 -8.85 4.76
N THR A 10 -7.74 -8.12 5.11
CA THR A 10 -7.93 -7.63 6.47
C THR A 10 -9.33 -7.99 6.96
N ALA A 11 -9.40 -8.74 8.04
CA ALA A 11 -10.66 -9.10 8.66
C ALA A 11 -10.79 -8.40 10.00
N VAL A 12 -11.87 -7.65 10.18
CA VAL A 12 -12.10 -6.91 11.41
C VAL A 12 -13.43 -7.29 12.05
N SER A 13 -13.39 -7.71 13.31
CA SER A 13 -14.61 -8.09 14.01
C SER A 13 -15.41 -6.86 14.41
N ARG A 14 -16.72 -6.95 14.31
CA ARG A 14 -17.60 -5.86 14.72
C ARG A 14 -18.69 -6.38 15.63
N PRO A 15 -18.35 -6.62 16.90
CA PRO A 15 -19.30 -7.12 17.90
C PRO A 15 -20.48 -6.16 18.05
N ASP A 16 -20.28 -4.88 17.86
CA ASP A 16 -21.38 -3.94 17.92
C ASP A 16 -22.31 -3.96 16.73
N ARG A 17 -21.97 -4.75 15.71
CA ARG A 17 -22.81 -4.97 14.55
C ARG A 17 -23.08 -6.41 14.30
N GLY A 18 -22.68 -7.26 15.21
CA GLY A 18 -22.94 -8.66 15.15
C GLY A 18 -22.17 -9.47 14.16
N ASP A 19 -21.27 -8.86 13.43
CA ASP A 19 -20.58 -9.54 12.34
C ASP A 19 -19.18 -8.93 12.18
N SER A 20 -18.55 -9.24 11.05
CA SER A 20 -17.25 -8.70 10.72
C SER A 20 -17.14 -8.19 9.28
N ARG A 21 -16.10 -7.40 9.01
CA ARG A 21 -15.87 -6.87 7.68
C ARG A 21 -14.59 -7.48 7.09
N PHE A 22 -14.67 -7.96 5.86
CA PHE A 22 -13.52 -8.56 5.20
C PHE A 22 -13.17 -7.78 3.93
N ILE A 23 -11.94 -7.31 3.85
CA ILE A 23 -11.45 -6.60 2.69
C ILE A 23 -10.24 -7.30 2.11
N ALA A 24 -10.25 -7.54 0.80
CA ALA A 24 -9.13 -8.18 0.13
C ALA A 24 -8.75 -7.40 -1.12
N VAL A 25 -7.45 -7.26 -1.37
CA VAL A 25 -6.97 -6.61 -2.58
C VAL A 25 -5.87 -7.44 -3.22
N GLY A 26 -5.86 -7.49 -4.54
CA GLY A 26 -4.85 -8.22 -5.27
C GLY A 26 -3.94 -7.30 -6.05
N TYR A 27 -2.65 -7.63 -6.08
CA TYR A 27 -1.65 -6.84 -6.80
C TYR A 27 -0.85 -7.67 -7.78
N VAL A 28 -0.58 -7.10 -8.95
CA VAL A 28 0.50 -7.59 -9.80
C VAL A 28 1.60 -6.54 -9.73
N ASP A 29 2.71 -6.89 -9.10
CA ASP A 29 3.77 -5.94 -8.83
C ASP A 29 3.04 -4.82 -8.09
N ASP A 30 3.38 -3.56 -8.39
CA ASP A 30 2.74 -2.43 -7.72
C ASP A 30 1.39 -1.96 -8.23
N THR A 31 0.71 -2.82 -8.99
CA THR A 31 -0.58 -2.46 -9.57
C THR A 31 -1.70 -3.29 -8.95
N GLN A 32 -2.59 -2.65 -8.22
CA GLN A 32 -3.79 -3.32 -7.70
C GLN A 32 -4.74 -3.61 -8.85
N PHE A 33 -5.20 -4.85 -8.97
CA PHE A 33 -6.05 -5.22 -10.10
C PHE A 33 -7.45 -5.73 -9.71
N VAL A 34 -7.61 -6.15 -8.45
CA VAL A 34 -8.91 -6.57 -7.95
C VAL A 34 -9.11 -6.15 -6.50
N ARG A 35 -10.34 -6.23 -6.06
CA ARG A 35 -10.72 -5.89 -4.71
C ARG A 35 -11.98 -6.60 -4.27
N PHE A 36 -12.13 -6.79 -2.98
CA PHE A 36 -13.37 -7.31 -2.41
C PHE A 36 -13.66 -6.64 -1.08
N ASP A 37 -14.89 -6.15 -0.92
CA ASP A 37 -15.33 -5.54 0.32
C ASP A 37 -16.66 -6.16 0.73
N SER A 38 -16.66 -6.89 1.84
CA SER A 38 -17.84 -7.61 2.29
C SER A 38 -18.97 -6.67 2.70
N ASP A 39 -18.68 -5.38 2.79
CA ASP A 39 -19.69 -4.39 3.14
C ASP A 39 -20.47 -3.87 1.93
N ALA A 40 -19.82 -3.96 0.78
CA ALA A 40 -20.38 -3.55 -0.47
C ALA A 40 -21.69 -4.23 -0.75
N PRO A 41 -22.56 -3.49 -1.41
CA PRO A 41 -23.82 -4.02 -1.89
C PRO A 41 -23.56 -5.11 -2.92
N ASN A 42 -24.07 -6.30 -2.65
CA ASN A 42 -23.77 -7.40 -3.53
C ASN A 42 -22.31 -7.70 -3.56
N PRO A 43 -21.72 -8.22 -2.49
CA PRO A 43 -20.27 -8.34 -2.45
C PRO A 43 -19.72 -9.28 -3.46
N ARG A 44 -18.87 -8.76 -4.32
CA ARG A 44 -18.24 -9.54 -5.33
C ARG A 44 -16.80 -9.08 -5.52
N MET A 45 -15.99 -9.91 -6.15
CA MET A 45 -14.65 -9.50 -6.54
C MET A 45 -14.79 -8.57 -7.74
N GLU A 46 -14.22 -7.38 -7.65
CA GLU A 46 -14.38 -6.37 -8.70
C GLU A 46 -13.05 -6.01 -9.33
N PRO A 47 -13.06 -5.71 -10.64
CA PRO A 47 -11.85 -5.27 -11.33
C PRO A 47 -11.43 -3.89 -10.83
N ARG A 48 -10.17 -3.60 -10.95
CA ARG A 48 -9.61 -2.34 -10.49
C ARG A 48 -8.70 -1.72 -11.49
N VAL A 49 -8.49 -2.41 -12.60
CA VAL A 49 -7.77 -1.90 -13.76
C VAL A 49 -8.41 -2.48 -15.02
N PRO A 50 -8.24 -1.78 -16.16
CA PRO A 50 -8.86 -2.20 -17.42
C PRO A 50 -8.46 -3.61 -17.88
N TRP A 51 -7.18 -3.96 -17.78
CA TRP A 51 -6.71 -5.20 -18.40
C TRP A 51 -7.30 -6.48 -17.82
N ILE A 52 -7.66 -6.45 -16.54
CA ILE A 52 -8.23 -7.64 -15.90
C ILE A 52 -9.67 -7.88 -16.34
N GLN A 53 -10.29 -6.85 -16.91
CA GLN A 53 -11.71 -6.94 -17.28
C GLN A 53 -11.97 -7.88 -18.45
N GLN A 54 -10.92 -8.31 -19.09
CA GLN A 54 -11.05 -9.25 -20.14
C GLN A 54 -11.23 -10.67 -19.67
N GLU A 55 -11.17 -10.87 -18.38
CA GLU A 55 -11.49 -12.15 -17.76
C GLU A 55 -12.98 -12.44 -17.94
N GLY A 56 -13.31 -13.69 -18.26
CA GLY A 56 -14.68 -14.09 -18.48
C GLY A 56 -15.48 -14.19 -17.20
N GLN A 57 -16.78 -14.47 -17.34
CA GLN A 57 -17.70 -14.52 -16.21
C GLN A 57 -17.37 -15.58 -15.16
N GLU A 58 -16.83 -16.69 -15.59
CA GLU A 58 -16.52 -17.70 -14.65
C GLU A 58 -15.38 -17.31 -13.73
N TYR A 59 -14.47 -16.52 -14.26
CA TYR A 59 -13.37 -15.98 -13.45
C TYR A 59 -13.95 -15.20 -12.28
N TRP A 60 -14.78 -14.22 -12.58
CA TRP A 60 -15.36 -13.35 -11.56
C TRP A 60 -16.26 -14.10 -10.59
N ALA A 61 -17.01 -15.07 -11.12
CA ALA A 61 -17.86 -15.89 -10.26
C ALA A 61 -17.02 -16.72 -9.30
N GLU A 62 -15.94 -17.31 -9.79
CA GLU A 62 -15.04 -18.12 -8.99
C GLU A 62 -14.23 -17.34 -7.98
N GLU A 63 -13.69 -16.22 -8.40
CA GLU A 63 -12.92 -15.38 -7.48
C GLU A 63 -13.82 -14.87 -6.35
N THR A 64 -15.05 -14.52 -6.70
CA THR A 64 -16.03 -14.09 -5.72
C THR A 64 -16.37 -15.24 -4.77
N ARG A 65 -16.58 -16.43 -5.31
CA ARG A 65 -16.89 -17.59 -4.49
C ARG A 65 -15.78 -17.82 -3.46
N LYS A 66 -14.55 -17.82 -3.94
CA LYS A 66 -13.40 -18.11 -3.07
C LYS A 66 -13.17 -17.03 -2.01
N VAL A 67 -13.30 -15.76 -2.39
CA VAL A 67 -13.04 -14.68 -1.45
C VAL A 67 -14.13 -14.60 -0.38
N LYS A 68 -15.36 -14.97 -0.74
CA LYS A 68 -16.44 -15.00 0.24
C LYS A 68 -16.22 -16.15 1.21
N ASP A 69 -15.69 -17.26 0.74
CA ASP A 69 -15.32 -18.37 1.57
C ASP A 69 -14.18 -17.95 2.51
N ASN A 70 -13.24 -17.21 1.98
CA ASN A 70 -12.16 -16.66 2.80
C ASN A 70 -12.72 -15.76 3.90
N ALA A 71 -13.69 -14.93 3.53
CA ALA A 71 -14.31 -14.00 4.49
C ALA A 71 -15.03 -14.72 5.60
N GLN A 72 -15.86 -15.69 5.24
CA GLN A 72 -16.62 -16.46 6.23
C GLN A 72 -15.69 -17.22 7.15
N THR A 73 -14.62 -17.76 6.58
CA THR A 73 -13.66 -18.56 7.32
C THR A 73 -12.92 -17.72 8.34
N TYR A 74 -12.55 -16.50 7.95
CA TYR A 74 -11.80 -15.62 8.82
C TYR A 74 -12.67 -14.94 9.87
N ARG A 75 -13.97 -14.85 9.58
CA ARG A 75 -14.93 -14.42 10.58
C ARG A 75 -14.92 -15.42 11.72
N VAL A 76 -14.88 -16.70 11.37
CA VAL A 76 -14.83 -17.77 12.37
C VAL A 76 -13.51 -17.72 13.13
N ASN A 77 -12.42 -17.53 12.41
CA ASN A 77 -11.09 -17.43 13.01
C ASN A 77 -11.01 -16.32 14.06
N LEU A 78 -11.67 -15.20 13.78
CA LEU A 78 -11.73 -14.10 14.73
C LEU A 78 -12.41 -14.56 16.02
N LYS A 79 -13.51 -15.28 15.88
CA LYS A 79 -14.23 -15.81 17.03
C LYS A 79 -13.36 -16.81 17.81
N ALA A 80 -12.64 -17.65 17.08
CA ALA A 80 -11.74 -18.61 17.70
C ALA A 80 -10.65 -17.88 18.47
N LEU A 81 -10.02 -16.91 17.83
CA LEU A 81 -8.93 -16.16 18.43
C LEU A 81 -9.35 -15.45 19.71
N ARG A 82 -10.52 -14.85 19.74
CA ARG A 82 -11.07 -14.29 20.93
C ARG A 82 -11.17 -15.27 22.12
N GLY A 83 -11.52 -16.50 21.84
CA GLY A 83 -11.47 -17.57 22.80
C GLY A 83 -10.09 -18.02 23.16
N TYR A 84 -9.29 -18.39 22.19
CA TYR A 84 -7.89 -18.74 22.32
C TYR A 84 -7.17 -17.77 23.29
N TYR A 85 -7.49 -16.48 23.24
CA TYR A 85 -6.85 -15.45 24.04
C TYR A 85 -7.69 -15.01 25.24
N ASN A 86 -8.94 -15.39 25.29
CA ASN A 86 -9.86 -15.01 26.33
C ASN A 86 -10.10 -13.50 26.37
N GLN A 87 -10.28 -12.86 25.20
CA GLN A 87 -10.46 -11.42 25.09
C GLN A 87 -11.93 -11.03 25.30
N SER A 88 -12.18 -9.73 25.38
CA SER A 88 -13.55 -9.24 25.62
C SER A 88 -14.44 -9.53 24.42
N VAL A 89 -15.74 -9.62 24.66
CA VAL A 89 -16.69 -9.87 23.58
C VAL A 89 -17.02 -8.59 22.83
N ALA A 90 -16.77 -7.44 23.45
CA ALA A 90 -17.10 -6.15 22.87
C ALA A 90 -15.96 -5.58 22.02
N GLY A 91 -14.74 -6.02 22.27
CA GLY A 91 -13.59 -5.51 21.54
C GLY A 91 -13.57 -5.88 20.07
N SER A 92 -13.12 -4.94 19.24
CA SER A 92 -12.89 -5.24 17.82
C SER A 92 -11.44 -5.65 17.63
N HIS A 93 -11.23 -6.75 16.91
CA HIS A 93 -9.87 -7.23 16.66
C HIS A 93 -9.60 -7.37 15.16
N THR A 94 -8.33 -7.43 14.79
CA THR A 94 -7.94 -7.43 13.39
C THR A 94 -7.11 -8.64 13.01
N LEU A 95 -7.47 -9.28 11.94
CA LEU A 95 -6.71 -10.35 11.35
C LEU A 95 -6.23 -9.99 9.96
N GLN A 96 -4.92 -9.97 9.78
CA GLN A 96 -4.35 -9.69 8.47
C GLN A 96 -3.69 -10.93 7.89
N SER A 97 -3.90 -11.14 6.59
CA SER A 97 -3.20 -12.22 5.90
C SER A 97 -2.51 -11.71 4.65
N MET A 98 -1.30 -12.09 4.47
CA MET A 98 -0.61 -11.78 3.28
C MET A 98 0.13 -12.94 2.62
N PHE A 99 -0.08 -13.04 1.34
CA PHE A 99 0.50 -14.13 0.57
C PHE A 99 0.73 -13.76 -0.90
N GLY A 100 1.70 -14.40 -1.52
CA GLY A 100 2.03 -14.12 -2.91
C GLY A 100 3.18 -14.94 -3.45
N CYS A 101 3.38 -14.83 -4.76
CA CYS A 101 4.46 -15.55 -5.43
C CYS A 101 5.28 -14.60 -6.31
N TYR A 102 6.56 -14.89 -6.45
CA TYR A 102 7.41 -14.16 -7.38
C TYR A 102 7.77 -15.07 -8.57
N LEU A 103 7.98 -14.46 -9.74
CA LEU A 103 8.28 -15.20 -10.96
C LEU A 103 9.80 -15.41 -11.13
N GLY A 104 10.22 -16.66 -11.09
CA GLY A 104 11.63 -17.00 -11.20
C GLY A 104 12.18 -16.85 -12.61
N PRO A 105 13.51 -16.97 -12.75
CA PRO A 105 14.20 -16.81 -14.04
C PRO A 105 13.67 -17.77 -15.10
N ASP A 106 13.34 -18.98 -14.69
CA ASP A 106 12.83 -19.99 -15.62
C ASP A 106 11.32 -20.19 -15.48
N GLY A 107 10.63 -19.14 -15.05
CA GLY A 107 9.19 -19.15 -15.01
C GLY A 107 8.58 -19.95 -13.88
N LEU A 108 9.39 -20.29 -12.89
CA LEU A 108 8.92 -21.05 -11.74
C LEU A 108 8.89 -20.20 -10.48
N LEU A 109 8.22 -20.71 -9.45
CA LEU A 109 8.05 -19.98 -8.20
C LEU A 109 9.37 -19.47 -7.62
N LEU A 110 9.38 -18.20 -7.25
CA LEU A 110 10.49 -17.59 -6.51
C LEU A 110 9.92 -17.09 -5.18
N HIS A 111 10.57 -17.36 -4.09
CA HIS A 111 10.07 -16.90 -2.80
C HIS A 111 8.58 -16.81 -2.46
N GLY A 112 7.72 -17.75 -2.83
CA GLY A 112 6.38 -17.69 -2.27
C GLY A 112 6.33 -17.41 -0.78
N TYR A 113 5.24 -16.77 -0.34
CA TYR A 113 5.09 -16.47 1.09
C TYR A 113 3.64 -16.52 1.54
N ARG A 114 3.43 -16.61 2.81
CA ARG A 114 2.14 -16.62 3.47
C ARG A 114 2.34 -16.30 4.94
N GLN A 115 1.83 -15.21 5.42
CA GLN A 115 2.00 -14.77 6.79
C GLN A 115 0.74 -14.09 7.32
N ASP A 116 0.34 -14.41 8.51
CA ASP A 116 -0.83 -13.86 9.12
C ASP A 116 -0.46 -13.12 10.41
N ALA A 117 -1.19 -12.08 10.76
CA ALA A 117 -0.94 -11.32 11.97
C ALA A 117 -2.25 -11.03 12.70
N TYR A 118 -2.22 -11.10 14.02
CA TYR A 118 -3.39 -10.81 14.83
C TYR A 118 -3.16 -9.56 15.66
N ASP A 119 -4.00 -8.56 15.45
CA ASP A 119 -3.85 -7.27 16.12
C ASP A 119 -2.45 -6.69 15.95
N GLY A 120 -1.88 -6.91 14.77
CA GLY A 120 -0.59 -6.34 14.42
C GLY A 120 0.60 -7.21 14.78
N ALA A 121 0.35 -8.25 15.59
CA ALA A 121 1.41 -9.14 16.05
C ALA A 121 1.47 -10.41 15.20
N ASP A 122 2.68 -10.89 14.94
CA ASP A 122 2.86 -12.15 14.22
C ASP A 122 2.01 -13.23 14.84
N TYR A 123 1.30 -13.99 13.99
CA TYR A 123 0.54 -15.14 14.47
C TYR A 123 1.16 -16.44 13.97
N ILE A 124 1.01 -16.69 12.67
CA ILE A 124 1.61 -17.88 12.05
C ILE A 124 2.07 -17.54 10.65
N ALA A 125 3.17 -18.15 10.21
CA ALA A 125 3.73 -17.88 8.90
C ALA A 125 4.30 -19.14 8.26
N LEU A 126 4.12 -19.26 6.94
CA LEU A 126 4.71 -20.38 6.20
C LEU A 126 6.22 -20.18 6.12
N ASN A 127 6.97 -21.24 6.40
CA ASN A 127 8.43 -21.17 6.35
C ASN A 127 8.97 -21.20 4.92
N GLU A 128 10.26 -20.91 4.79
CA GLU A 128 10.92 -20.83 3.49
C GLU A 128 10.89 -22.16 2.74
N ASP A 129 10.90 -23.27 3.48
CA ASP A 129 10.88 -24.57 2.83
C ASP A 129 9.47 -24.93 2.33
N LEU A 130 8.52 -24.08 2.60
CA LEU A 130 7.15 -24.27 2.18
C LEU A 130 6.52 -25.57 2.66
N ARG A 131 6.94 -26.05 3.81
CA ARG A 131 6.48 -27.30 4.29
C ARG A 131 6.28 -27.27 5.79
N SER A 132 6.56 -26.17 6.44
CA SER A 132 6.53 -26.04 7.89
C SER A 132 6.09 -24.64 8.28
N TRP A 133 5.59 -24.50 9.49
CA TRP A 133 5.06 -23.22 9.96
C TRP A 133 5.84 -22.70 11.17
N THR A 134 5.92 -21.38 11.29
CA THR A 134 6.42 -20.76 12.51
C THR A 134 5.25 -20.13 13.25
N ALA A 135 5.00 -20.59 14.47
CA ALA A 135 3.93 -20.05 15.32
C ALA A 135 4.52 -19.11 16.36
N ALA A 136 3.95 -17.91 16.46
CA ALA A 136 4.53 -16.84 17.26
C ALA A 136 4.20 -16.92 18.75
N ASP A 137 3.16 -17.66 19.11
CA ASP A 137 2.80 -17.81 20.52
C ASP A 137 1.96 -19.06 20.79
N MET A 138 1.46 -19.16 22.01
CA MET A 138 0.72 -20.31 22.49
C MET A 138 -0.49 -20.63 21.64
N ALA A 139 -1.30 -19.63 21.35
CA ALA A 139 -2.49 -19.76 20.52
C ALA A 139 -2.13 -20.22 19.11
N ALA A 140 -1.05 -19.68 18.56
CA ALA A 140 -0.62 -20.00 17.20
C ALA A 140 -0.12 -21.43 17.07
N GLN A 141 0.38 -21.99 18.17
CA GLN A 141 0.86 -23.37 18.17
C GLN A 141 -0.30 -24.36 18.06
N ILE A 142 -1.45 -23.99 18.64
CA ILE A 142 -2.65 -24.79 18.51
C ILE A 142 -3.04 -24.91 17.04
N THR A 143 -3.09 -23.76 16.37
CA THR A 143 -3.36 -23.72 14.94
C THR A 143 -2.30 -24.47 14.16
N LYS A 144 -1.04 -24.19 14.47
CA LYS A 144 0.09 -24.82 13.82
C LYS A 144 0.00 -26.35 13.89
N ARG A 145 -0.39 -26.86 15.04
CA ARG A 145 -0.51 -28.30 15.24
C ARG A 145 -1.60 -28.91 14.35
N LYS A 146 -2.75 -28.25 14.26
CA LYS A 146 -3.82 -28.70 13.39
C LYS A 146 -3.34 -28.75 11.95
N TRP A 147 -2.67 -27.68 11.52
CA TRP A 147 -2.26 -27.54 10.13
C TRP A 147 -1.19 -28.53 9.75
N GLU A 148 -0.40 -28.96 10.73
CA GLU A 148 0.62 -29.97 10.51
C GLU A 148 -0.01 -31.34 10.22
N ALA A 149 -0.95 -31.75 11.07
CA ALA A 149 -1.63 -33.03 10.89
C ALA A 149 -2.40 -33.06 9.59
N ALA A 150 -2.93 -31.90 9.19
CA ALA A 150 -3.73 -31.80 7.97
C ALA A 150 -2.89 -31.44 6.74
N ASP A 151 -1.58 -31.31 6.93
CA ASP A 151 -0.69 -30.91 5.85
C ASP A 151 -1.27 -29.72 5.11
N ALA A 152 -1.61 -28.66 5.81
CA ALA A 152 -2.12 -27.46 5.21
C ALA A 152 -1.08 -26.78 4.34
N ALA A 153 0.18 -26.92 4.69
CA ALA A 153 1.28 -26.38 3.92
C ALA A 153 1.35 -26.87 2.49
N GLU A 154 0.97 -28.11 2.25
CA GLU A 154 0.89 -28.61 0.92
C GLU A 154 -0.10 -27.90 0.01
N GLN A 155 -1.23 -27.52 0.54
CA GLN A 155 -2.22 -26.70 -0.17
C GLN A 155 -1.62 -25.36 -0.56
N MET A 156 -1.01 -24.71 0.42
CA MET A 156 -0.42 -23.40 0.20
C MET A 156 0.74 -23.49 -0.81
N ARG A 157 1.64 -24.43 -0.58
CA ARG A 157 2.75 -24.67 -1.46
C ARG A 157 2.36 -24.98 -2.90
N SER A 158 1.37 -25.84 -3.09
CA SER A 158 0.93 -26.22 -4.43
C SER A 158 0.26 -25.05 -5.13
N TYR A 159 -0.43 -24.20 -4.35
CA TYR A 159 -1.01 -22.98 -4.89
C TYR A 159 0.08 -22.03 -5.37
N LEU A 160 1.07 -21.78 -4.51
CA LEU A 160 2.17 -20.88 -4.82
C LEU A 160 2.98 -21.37 -6.00
N GLN A 161 3.17 -22.68 -6.09
CA GLN A 161 3.97 -23.27 -7.16
C GLN A 161 3.19 -23.37 -8.47
N GLY A 162 1.88 -23.61 -8.37
CA GLY A 162 1.07 -23.84 -9.54
C GLY A 162 0.22 -22.65 -9.94
N LEU A 163 -0.99 -22.60 -9.42
CA LEU A 163 -1.96 -21.58 -9.79
C LEU A 163 -1.41 -20.15 -9.70
N CYS A 164 -0.73 -19.84 -8.60
CA CYS A 164 -0.24 -18.47 -8.37
C CYS A 164 0.69 -17.98 -9.48
N VAL A 165 1.71 -18.77 -9.80
CA VAL A 165 2.64 -18.41 -10.86
C VAL A 165 1.97 -18.43 -12.24
N GLU A 166 1.21 -19.45 -12.49
CA GLU A 166 0.49 -19.55 -13.71
C GLU A 166 -0.38 -18.32 -13.97
N SER A 167 -1.18 -17.93 -13.00
CA SER A 167 -1.99 -16.72 -13.08
C SER A 167 -1.15 -15.46 -13.27
N LEU A 168 -0.01 -15.40 -12.58
CA LEU A 168 0.91 -14.28 -12.71
C LEU A 168 1.40 -14.12 -14.16
N ARG A 169 1.81 -15.23 -14.78
CA ARG A 169 2.27 -15.21 -16.16
C ARG A 169 1.14 -14.71 -17.07
N LYS A 170 -0.07 -15.16 -16.76
CA LYS A 170 -1.25 -14.79 -17.53
C LYS A 170 -1.59 -13.31 -17.38
N TYR A 171 -1.47 -12.79 -16.16
CA TYR A 171 -1.76 -11.39 -15.91
C TYR A 171 -0.74 -10.47 -16.58
N LEU A 172 0.52 -10.85 -16.51
CA LEU A 172 1.60 -10.06 -17.11
C LEU A 172 1.41 -9.90 -18.61
N GLU A 173 0.78 -10.89 -19.24
CA GLU A 173 0.51 -10.83 -20.67
C GLU A 173 -0.69 -9.93 -20.96
N MET A 174 -1.77 -10.11 -20.19
CA MET A 174 -2.98 -9.31 -20.36
C MET A 174 -2.69 -7.82 -20.23
N GLY A 175 -1.85 -7.47 -19.25
CA GLY A 175 -1.52 -6.08 -18.99
C GLY A 175 -0.10 -5.75 -19.42
N LYS A 176 0.40 -6.45 -20.42
CA LYS A 176 1.76 -6.23 -20.88
C LYS A 176 2.06 -4.79 -21.21
N ASP A 177 1.17 -4.17 -21.97
CA ASP A 177 1.38 -2.79 -22.40
C ASP A 177 1.38 -1.81 -21.24
N THR A 178 1.19 -2.32 -20.03
CA THR A 178 1.09 -1.48 -18.85
C THR A 178 2.01 -1.98 -17.73
N LEU A 179 2.03 -3.29 -17.53
CA LEU A 179 2.76 -3.89 -16.42
C LEU A 179 4.23 -4.13 -16.74
N GLN A 180 4.54 -4.26 -18.03
CA GLN A 180 5.90 -4.62 -18.43
C GLN A 180 6.72 -3.46 -18.99
N ARG A 181 6.14 -2.26 -19.00
CA ARG A 181 6.89 -1.07 -19.38
C ARG A 181 7.09 -0.15 -18.18
N ALA A 182 8.33 0.14 -17.85
CA ALA A 182 8.64 1.05 -16.76
C ALA A 182 8.41 2.49 -17.21
N GLU A 183 7.64 3.22 -16.45
CA GLU A 183 7.39 4.60 -16.74
C GLU A 183 8.31 5.52 -15.93
N PRO A 184 9.24 6.17 -16.62
CA PRO A 184 10.26 6.98 -15.96
C PRO A 184 9.66 8.20 -15.27
N PRO A 185 10.31 8.68 -14.20
CA PRO A 185 9.76 9.83 -13.48
C PRO A 185 9.96 11.13 -14.24
N LYS A 186 9.02 12.05 -14.13
CA LYS A 186 9.19 13.46 -14.47
C LYS A 186 9.87 14.16 -13.32
N THR A 187 11.03 14.73 -13.55
CA THR A 187 11.80 15.29 -12.45
C THR A 187 11.90 16.81 -12.47
N HIS A 188 12.00 17.38 -11.26
CA HIS A 188 12.10 18.83 -11.10
C HIS A 188 12.96 19.16 -9.89
N VAL A 189 13.70 20.26 -9.98
CA VAL A 189 14.33 20.83 -8.80
C VAL A 189 13.76 22.21 -8.54
N THR A 190 13.15 22.38 -7.37
CA THR A 190 12.56 23.65 -6.99
C THR A 190 13.33 24.28 -5.83
N ARG A 191 13.16 25.57 -5.63
CA ARG A 191 13.83 26.29 -4.59
C ARG A 191 12.86 27.09 -3.74
N HIS A 192 13.10 27.13 -2.43
CA HIS A 192 12.20 27.79 -1.49
C HIS A 192 12.99 28.45 -0.36
N PRO A 193 13.07 29.79 -0.37
CA PRO A 193 13.81 30.58 0.62
C PRO A 193 13.19 30.49 2.02
N SER A 194 14.02 30.36 3.05
CA SER A 194 13.55 30.18 4.42
C SER A 194 13.89 31.38 5.30
N SER A 195 15.11 31.42 5.82
CA SER A 195 15.56 32.50 6.68
C SER A 195 16.95 32.93 6.23
N ASP A 196 17.68 33.62 7.11
CA ASP A 196 19.04 34.04 6.80
C ASP A 196 19.92 32.89 6.31
N LEU A 197 20.12 31.89 7.16
CA LEU A 197 20.81 30.67 6.77
C LEU A 197 19.80 29.58 6.45
N GLY A 198 18.88 29.88 5.55
CA GLY A 198 17.84 28.93 5.18
C GLY A 198 17.37 29.08 3.74
N ALA A 199 17.67 28.07 2.92
CA ALA A 199 17.25 28.06 1.53
C ALA A 199 17.10 26.62 1.04
N THR A 200 15.85 26.18 0.86
CA THR A 200 15.57 24.76 0.61
C THR A 200 15.47 24.39 -0.87
N LEU A 201 16.24 23.38 -1.27
CA LEU A 201 16.09 22.79 -2.59
C LEU A 201 15.29 21.50 -2.47
N ARG A 202 14.34 21.29 -3.39
CA ARG A 202 13.54 20.08 -3.38
C ARG A 202 13.57 19.37 -4.73
N CYS A 203 13.97 18.11 -4.72
CA CYS A 203 14.05 17.31 -5.93
C CYS A 203 12.84 16.39 -6.05
N TRP A 204 12.07 16.57 -7.13
CA TRP A 204 10.82 15.84 -7.31
C TRP A 204 10.98 14.72 -8.34
N ALA A 205 10.34 13.58 -8.07
CA ALA A 205 10.17 12.54 -9.08
C ALA A 205 8.68 12.21 -9.14
N LEU A 206 8.08 12.42 -10.31
CA LEU A 206 6.62 12.32 -10.44
C LEU A 206 6.17 11.39 -11.55
N GLY A 207 5.05 10.71 -11.31
CA GLY A 207 4.40 9.89 -12.32
C GLY A 207 5.19 8.67 -12.76
N PHE A 208 5.92 8.05 -11.84
CA PHE A 208 6.76 6.93 -12.22
C PHE A 208 6.18 5.58 -11.82
N TYR A 209 6.68 4.53 -12.47
CA TYR A 209 6.31 3.15 -12.19
C TYR A 209 7.43 2.27 -12.74
N PRO A 210 7.88 1.27 -11.95
CA PRO A 210 7.33 0.82 -10.67
C PRO A 210 7.63 1.76 -9.51
N LYS A 211 7.21 1.33 -8.33
CA LYS A 211 7.31 2.12 -7.10
C LYS A 211 8.76 2.36 -6.69
N GLU A 212 9.62 1.36 -6.88
CA GLU A 212 11.01 1.46 -6.46
C GLU A 212 11.77 2.60 -7.14
N ILE A 213 12.41 3.44 -6.33
CA ILE A 213 13.18 4.56 -6.85
C ILE A 213 14.20 5.00 -5.82
N SER A 214 15.25 5.67 -6.29
CA SER A 214 16.30 6.18 -5.43
C SER A 214 16.54 7.66 -5.68
N LEU A 215 16.26 8.48 -4.67
CA LEU A 215 16.53 9.92 -4.72
C LEU A 215 17.58 10.29 -3.69
N THR A 216 18.67 10.91 -4.13
CA THR A 216 19.74 11.32 -3.24
C THR A 216 20.29 12.70 -3.60
N TRP A 217 20.87 13.38 -2.61
CA TRP A 217 21.52 14.66 -2.82
C TRP A 217 23.02 14.54 -2.59
N GLN A 218 23.80 15.18 -3.46
CA GLN A 218 25.24 15.24 -3.29
C GLN A 218 25.71 16.69 -3.22
N ARG A 219 26.86 16.90 -2.56
CA ARG A 219 27.48 18.22 -2.51
C ARG A 219 28.90 18.09 -3.05
N GLU A 220 29.09 18.50 -4.30
CA GLU A 220 30.37 18.33 -4.97
C GLU A 220 30.78 16.87 -4.99
N GLY A 221 29.81 15.99 -4.79
CA GLY A 221 30.05 14.55 -4.79
C GLY A 221 30.03 13.96 -3.39
N GLN A 222 29.28 14.59 -2.49
CA GLN A 222 29.23 14.14 -1.10
C GLN A 222 27.79 13.93 -0.63
N ASP A 223 27.48 12.71 -0.22
CA ASP A 223 26.11 12.35 0.18
C ASP A 223 25.57 13.21 1.32
N GLN A 224 24.38 13.77 1.12
CA GLN A 224 23.79 14.69 2.09
C GLN A 224 22.57 14.09 2.76
N SER A 225 22.40 12.77 2.61
CA SER A 225 21.24 12.07 3.16
C SER A 225 20.97 12.44 4.61
N GLN A 226 22.02 12.49 5.41
CA GLN A 226 21.90 12.78 6.84
C GLN A 226 21.32 14.17 7.08
N ASP A 227 21.32 14.99 6.03
CA ASP A 227 20.83 16.36 6.12
C ASP A 227 19.47 16.54 5.43
N MET A 228 19.18 15.70 4.45
CA MET A 228 17.98 15.87 3.63
C MET A 228 16.71 15.30 4.27
N GLU A 229 15.56 15.72 3.75
CA GLU A 229 14.28 15.17 4.14
C GLU A 229 13.69 14.37 2.98
N LEU A 230 13.46 13.09 3.22
CA LEU A 230 12.96 12.19 2.18
C LEU A 230 11.58 11.68 2.57
N VAL A 231 10.55 12.04 1.80
CA VAL A 231 9.21 11.60 2.13
C VAL A 231 8.94 10.19 1.60
N GLU A 232 8.04 9.50 2.23
CA GLU A 232 7.59 8.24 1.76
C GLU A 232 7.07 8.29 0.32
N THR A 233 7.39 7.27 -0.45
CA THR A 233 6.85 7.20 -1.80
C THR A 233 5.33 7.13 -1.72
N ARG A 234 4.68 7.93 -2.56
CA ARG A 234 3.23 8.11 -2.46
C ARG A 234 2.56 7.92 -3.82
N PRO A 235 1.31 7.43 -3.83
CA PRO A 235 0.59 7.20 -5.08
C PRO A 235 0.12 8.50 -5.71
N SER A 236 0.18 8.58 -7.04
CA SER A 236 -0.26 9.75 -7.77
C SER A 236 -1.78 9.75 -7.92
N GLY A 237 -2.38 8.57 -7.80
CA GLY A 237 -3.82 8.44 -7.95
C GLY A 237 -4.20 7.88 -9.30
N ASP A 238 -3.23 7.76 -10.20
CA ASP A 238 -3.47 7.23 -11.54
C ASP A 238 -2.70 5.93 -11.79
N GLY A 239 -2.20 5.33 -10.71
CA GLY A 239 -1.46 4.09 -10.82
C GLY A 239 0.05 4.30 -10.82
N THR A 240 0.48 5.55 -10.85
CA THR A 240 1.90 5.87 -10.77
C THR A 240 2.24 6.36 -9.37
N PHE A 241 3.50 6.74 -9.16
CA PHE A 241 3.97 7.13 -7.84
C PHE A 241 4.75 8.45 -7.86
N GLN A 242 4.96 9.01 -6.68
CA GLN A 242 5.67 10.27 -6.50
C GLN A 242 6.61 10.16 -5.32
N LYS A 243 7.63 11.02 -5.30
CA LYS A 243 8.54 11.10 -4.17
C LYS A 243 9.34 12.39 -4.28
N TRP A 244 9.76 12.94 -3.16
CA TRP A 244 10.72 14.05 -3.20
C TRP A 244 11.76 14.04 -2.08
N ALA A 245 12.88 14.70 -2.34
CA ALA A 245 13.96 14.80 -1.37
C ALA A 245 14.45 16.24 -1.32
N ALA A 246 14.47 16.81 -0.12
CA ALA A 246 14.81 18.22 0.04
C ALA A 246 15.86 18.43 1.12
N LEU A 247 16.64 19.49 1.00
CA LEU A 247 17.63 19.85 2.00
C LEU A 247 17.88 21.35 2.00
N VAL A 248 18.36 21.86 3.12
CA VAL A 248 18.70 23.27 3.24
C VAL A 248 20.13 23.51 2.77
N VAL A 249 20.29 24.41 1.81
CA VAL A 249 21.61 24.77 1.31
C VAL A 249 22.01 26.15 1.81
N PRO A 250 23.30 26.36 2.07
CA PRO A 250 23.76 27.67 2.54
C PRO A 250 23.47 28.75 1.50
N PRO A 251 23.41 30.02 1.93
CA PRO A 251 23.01 31.18 1.13
C PRO A 251 24.12 31.21 0.06
N GLY A 252 23.77 31.09 -1.21
CA GLY A 252 24.77 31.03 -2.26
C GLY A 252 25.52 29.79 -2.70
N GLU A 253 25.04 28.65 -2.28
CA GLU A 253 25.69 27.41 -2.59
C GLU A 253 24.86 26.47 -3.40
N GLU A 254 23.74 26.94 -3.92
CA GLU A 254 22.83 26.14 -4.73
C GLU A 254 23.56 25.24 -5.73
N GLN A 255 24.49 25.82 -6.46
CA GLN A 255 25.14 25.12 -7.56
C GLN A 255 26.16 24.08 -7.11
N SER A 256 26.38 23.99 -5.81
CA SER A 256 27.26 22.95 -5.33
C SER A 256 26.50 21.66 -5.07
N TYR A 257 25.19 21.75 -5.08
CA TYR A 257 24.35 20.58 -4.80
C TYR A 257 23.73 19.97 -6.06
N THR A 258 23.68 18.65 -6.09
CA THR A 258 23.06 17.93 -7.20
C THR A 258 22.16 16.82 -6.68
N CYS A 259 21.00 16.67 -7.31
CA CYS A 259 20.09 15.58 -7.00
C CYS A 259 20.30 14.46 -7.99
N HIS A 260 20.32 13.22 -7.49
CA HIS A 260 20.53 12.06 -8.35
C HIS A 260 19.34 11.14 -8.30
N VAL A 261 18.79 10.85 -9.49
CA VAL A 261 17.58 10.07 -9.61
C VAL A 261 17.84 8.75 -10.33
N GLN A 262 17.45 7.65 -9.70
CA GLN A 262 17.69 6.33 -10.28
C GLN A 262 16.42 5.51 -10.26
N HIS A 263 16.03 5.04 -11.44
CA HIS A 263 14.75 4.35 -11.61
C HIS A 263 14.88 3.51 -12.87
N GLU A 264 14.22 2.35 -12.89
CA GLU A 264 14.37 1.42 -13.99
C GLU A 264 13.84 1.95 -15.32
N GLY A 265 12.91 2.90 -15.25
CA GLY A 265 12.39 3.54 -16.44
C GLY A 265 13.43 4.43 -17.10
N LEU A 266 14.50 4.72 -16.36
CA LEU A 266 15.55 5.60 -16.87
C LEU A 266 16.71 4.81 -17.46
N GLN A 267 17.15 5.24 -18.63
CA GLN A 267 18.29 4.64 -19.31
C GLN A 267 19.51 4.66 -18.41
N GLU A 268 19.82 5.84 -17.87
CA GLU A 268 20.96 6.02 -16.97
C GLU A 268 20.54 6.89 -15.80
N PRO A 269 21.28 6.81 -14.68
CA PRO A 269 21.00 7.70 -13.55
C PRO A 269 20.99 9.16 -13.97
N LEU A 270 19.97 9.90 -13.54
CA LEU A 270 19.86 11.32 -13.88
C LEU A 270 20.53 12.20 -12.82
N THR A 271 21.34 13.15 -13.29
CA THR A 271 21.89 14.18 -12.41
C THR A 271 21.14 15.49 -12.60
N LEU A 272 20.48 15.95 -11.56
CA LEU A 272 19.73 17.17 -11.64
C LEU A 272 20.33 18.26 -10.78
N ARG A 273 20.30 19.47 -11.26
CA ARG A 273 20.72 20.61 -10.45
C ARG A 273 19.67 21.70 -10.56
N TRP A 274 19.77 22.75 -9.77
CA TRP A 274 18.87 23.89 -9.82
C TRP A 274 19.16 24.77 -11.06
N ASP A 275 18.53 24.45 -12.20
CA ASP A 275 18.87 25.10 -13.47
C ASP A 275 18.66 26.60 -13.42
N VAL B 1 0.83 -2.96 19.52
CA VAL B 1 1.72 -2.28 18.58
C VAL B 1 1.03 -1.14 17.86
N ALA B 2 -0.02 -0.61 18.48
CA ALA B 2 -0.74 0.54 17.94
C ALA B 2 0.26 1.65 17.62
N ARG B 3 0.11 2.25 16.43
CA ARG B 3 1.05 3.27 15.99
C ARG B 3 0.37 4.34 15.15
N PRO B 4 0.89 5.59 15.23
CA PRO B 4 0.29 6.76 14.58
C PRO B 4 0.42 6.74 13.06
N PRO B 5 -0.54 7.35 12.37
CA PRO B 5 -0.54 7.50 10.91
C PRO B 5 0.41 8.61 10.47
N LYS B 6 1.10 8.38 9.36
CA LYS B 6 1.81 9.46 8.69
C LYS B 6 0.84 10.08 7.68
N VAL B 7 1.00 11.37 7.40
CA VAL B 7 0.07 12.06 6.51
C VAL B 7 0.78 12.94 5.49
N GLN B 8 0.44 12.76 4.22
CA GLN B 8 0.90 13.65 3.17
C GLN B 8 -0.28 14.16 2.36
N VAL B 9 -0.36 15.48 2.19
CA VAL B 9 -1.37 16.09 1.34
C VAL B 9 -0.65 16.75 0.17
N TYR B 10 -1.09 16.44 -1.05
CA TYR B 10 -0.35 16.85 -2.23
C TYR B 10 -1.22 16.71 -3.46
N SER B 11 -0.80 17.32 -4.56
CA SER B 11 -1.53 17.24 -5.82
C SER B 11 -0.86 16.25 -6.76
N ARG B 12 -1.64 15.70 -7.70
CA ARG B 12 -1.11 14.76 -8.68
C ARG B 12 -0.11 15.43 -9.61
N HIS B 13 -0.44 16.65 -10.03
CA HIS B 13 0.44 17.43 -10.89
C HIS B 13 0.86 18.71 -10.18
N PRO B 14 2.06 19.22 -10.50
CA PRO B 14 2.46 20.53 -9.96
C PRO B 14 1.31 21.51 -10.15
N ALA B 15 0.88 22.13 -9.06
CA ALA B 15 -0.34 22.94 -9.07
C ALA B 15 -0.13 24.31 -9.68
N GLU B 16 -1.12 24.74 -10.45
CA GLU B 16 -1.18 26.10 -10.97
C GLU B 16 -2.57 26.65 -10.73
N ASN B 17 -2.65 27.87 -10.22
CA ASN B 17 -3.92 28.50 -9.94
C ASN B 17 -4.86 28.45 -11.15
N GLY B 18 -6.08 27.97 -10.93
CA GLY B 18 -7.10 27.98 -11.97
C GLY B 18 -7.08 26.80 -12.91
N LYS B 19 -6.19 25.88 -12.69
CA LYS B 19 -6.14 24.71 -13.51
C LYS B 19 -6.51 23.39 -12.79
N PRO B 20 -7.48 22.68 -13.35
CA PRO B 20 -7.99 21.41 -12.81
C PRO B 20 -6.86 20.46 -12.44
N ASN B 21 -6.99 19.84 -11.27
CA ASN B 21 -5.94 18.96 -10.73
C ASN B 21 -6.57 17.91 -9.84
N TYR B 22 -5.75 17.22 -9.06
CA TYR B 22 -6.25 16.21 -8.15
C TYR B 22 -5.60 16.36 -6.78
N LEU B 23 -6.43 16.41 -5.74
CA LEU B 23 -5.94 16.55 -4.38
C LEU B 23 -5.89 15.20 -3.69
N ASN B 24 -4.70 14.83 -3.21
CA ASN B 24 -4.49 13.56 -2.54
C ASN B 24 -4.12 13.73 -1.07
N CYS B 25 -4.63 12.82 -0.25
CA CYS B 25 -4.17 12.70 1.13
C CYS B 25 -3.77 11.26 1.38
N TYR B 26 -2.47 11.02 1.45
CA TYR B 26 -1.97 9.66 1.62
C TYR B 26 -1.64 9.41 3.08
N VAL B 27 -2.37 8.48 3.68
CA VAL B 27 -2.21 8.17 5.09
C VAL B 27 -1.71 6.74 5.26
N SER B 28 -0.56 6.58 5.89
CA SER B 28 0.08 5.27 5.96
C SER B 28 0.73 4.97 7.31
N GLY B 29 1.21 3.75 7.46
CA GLY B 29 2.02 3.34 8.60
C GLY B 29 1.26 3.16 9.90
N PHE B 30 -0.06 3.11 9.84
CA PHE B 30 -0.87 3.10 11.06
C PHE B 30 -1.47 1.75 11.42
N HIS B 31 -1.87 1.63 12.69
CA HIS B 31 -2.45 0.40 13.24
C HIS B 31 -3.03 0.75 14.60
N PRO B 32 -4.27 0.33 14.88
CA PRO B 32 -5.21 -0.50 14.10
C PRO B 32 -5.77 0.23 12.87
N PRO B 33 -6.57 -0.47 12.06
CA PRO B 33 -7.06 0.06 10.77
C PRO B 33 -8.17 1.12 10.89
N GLN B 34 -8.87 1.17 12.02
CA GLN B 34 -9.92 2.16 12.21
C GLN B 34 -9.34 3.57 12.16
N ILE B 35 -9.87 4.39 11.26
CA ILE B 35 -9.33 5.73 11.06
C ILE B 35 -10.31 6.64 10.31
N GLU B 36 -10.21 7.94 10.56
CA GLU B 36 -11.04 8.93 9.87
C GLU B 36 -10.16 9.90 9.10
N ILE B 37 -10.35 9.95 7.78
CA ILE B 37 -9.55 10.82 6.93
C ILE B 37 -10.45 11.75 6.12
N ASP B 38 -10.31 13.05 6.35
CA ASP B 38 -11.14 14.02 5.65
C ASP B 38 -10.29 15.06 4.93
N LEU B 39 -10.61 15.31 3.66
CA LEU B 39 -10.05 16.42 2.94
C LEU B 39 -10.90 17.66 3.23
N LEU B 40 -10.24 18.75 3.61
CA LEU B 40 -10.96 19.97 3.98
C LEU B 40 -10.69 21.12 3.02
N LYS B 41 -11.75 21.84 2.69
CA LYS B 41 -11.66 23.04 1.87
C LYS B 41 -12.14 24.22 2.68
N ASN B 42 -11.21 25.07 3.11
CA ASN B 42 -11.52 26.16 4.02
C ASN B 42 -12.17 25.63 5.31
N GLY B 43 -11.67 24.48 5.77
CA GLY B 43 -12.12 23.92 7.04
C GLY B 43 -13.37 23.07 6.93
N GLU B 44 -13.89 22.93 5.72
CA GLU B 44 -15.10 22.14 5.51
C GLU B 44 -14.82 20.86 4.72
N LYS B 45 -15.39 19.76 5.20
CA LYS B 45 -15.18 18.45 4.57
C LYS B 45 -15.63 18.46 3.11
N MET B 46 -14.82 17.85 2.25
CA MET B 46 -15.15 17.74 0.84
C MET B 46 -15.66 16.34 0.52
N ASN B 47 -16.40 16.23 -0.59
CA ASN B 47 -16.71 14.93 -1.16
C ASN B 47 -15.41 14.35 -1.72
N ALA B 48 -15.06 13.16 -1.27
CA ALA B 48 -13.83 12.52 -1.73
C ALA B 48 -13.90 11.01 -1.64
N GLU B 49 -13.19 10.34 -2.53
CA GLU B 49 -13.13 8.88 -2.54
C GLU B 49 -12.06 8.40 -1.58
N GLN B 50 -12.19 7.15 -1.14
CA GLN B 50 -11.18 6.53 -0.30
C GLN B 50 -10.84 5.15 -0.86
N SER B 51 -9.55 4.88 -1.00
CA SER B 51 -9.10 3.62 -1.57
C SER B 51 -9.50 2.44 -0.67
N ASP B 52 -9.36 1.23 -1.21
CA ASP B 52 -9.63 0.03 -0.43
C ASP B 52 -8.54 -0.17 0.60
N LEU B 53 -8.93 -0.61 1.80
CA LEU B 53 -7.98 -0.83 2.87
C LEU B 53 -6.90 -1.84 2.46
N SER B 54 -5.65 -1.45 2.63
CA SER B 54 -4.51 -2.31 2.34
C SER B 54 -3.40 -2.04 3.34
N PHE B 55 -2.31 -2.80 3.26
CA PHE B 55 -1.19 -2.62 4.17
C PHE B 55 0.13 -3.07 3.54
N SER B 56 1.24 -2.64 4.12
CA SER B 56 2.57 -2.97 3.61
C SER B 56 3.16 -4.17 4.33
N LYS B 57 4.33 -4.58 3.94
CA LYS B 57 4.88 -5.79 4.46
C LYS B 57 5.18 -5.78 5.97
N ASP B 58 5.07 -4.65 6.63
CA ASP B 58 5.27 -4.57 8.08
C ASP B 58 3.93 -4.49 8.80
N TRP B 59 2.86 -4.78 8.07
CA TRP B 59 1.50 -4.84 8.60
C TRP B 59 0.83 -3.47 8.71
N SER B 60 1.59 -2.41 8.44
CA SER B 60 1.07 -1.05 8.53
C SER B 60 0.06 -0.72 7.44
N PHE B 61 -1.13 -0.29 7.84
CA PHE B 61 -2.19 0.05 6.90
C PHE B 61 -1.91 1.36 6.18
N TYR B 62 -2.48 1.50 4.99
CA TYR B 62 -2.42 2.77 4.27
C TYR B 62 -3.68 3.00 3.44
N LEU B 63 -4.04 4.28 3.27
CA LEU B 63 -5.23 4.66 2.54
C LEU B 63 -4.96 5.91 1.72
N LEU B 64 -5.63 6.03 0.59
CA LEU B 64 -5.58 7.25 -0.20
C LEU B 64 -6.97 7.87 -0.30
N VAL B 65 -7.10 9.10 0.16
CA VAL B 65 -8.33 9.86 -0.01
C VAL B 65 -8.08 10.93 -1.07
N HIS B 66 -8.90 10.93 -2.12
CA HIS B 66 -8.64 11.79 -3.27
C HIS B 66 -9.91 12.39 -3.86
N THR B 67 -9.77 13.58 -4.44
CA THR B 67 -10.85 14.22 -5.16
C THR B 67 -10.26 15.22 -6.15
N GLU B 68 -11.02 15.52 -7.21
CA GLU B 68 -10.61 16.54 -8.16
C GLU B 68 -10.74 17.92 -7.51
N PHE B 69 -9.90 18.85 -7.93
CA PHE B 69 -9.95 20.21 -7.40
C PHE B 69 -9.18 21.18 -8.28
N THR B 70 -9.58 22.44 -8.24
CA THR B 70 -8.92 23.48 -9.02
C THR B 70 -8.39 24.54 -8.07
N PRO B 71 -7.11 24.42 -7.68
CA PRO B 71 -6.50 25.33 -6.70
C PRO B 71 -6.51 26.77 -7.20
N ASN B 72 -6.56 27.73 -6.27
CA ASN B 72 -6.44 29.14 -6.61
C ASN B 72 -5.71 29.93 -5.53
N ALA B 73 -5.78 31.25 -5.60
CA ALA B 73 -5.02 32.09 -4.69
C ALA B 73 -5.65 32.20 -3.31
N VAL B 74 -6.90 31.76 -3.19
CA VAL B 74 -7.66 32.00 -1.98
C VAL B 74 -7.94 30.75 -1.15
N ASP B 75 -8.45 29.71 -1.80
CA ASP B 75 -8.89 28.50 -1.08
C ASP B 75 -7.78 27.76 -0.35
N GLN B 76 -8.04 27.45 0.91
CA GLN B 76 -7.12 26.70 1.73
C GLN B 76 -7.52 25.24 1.73
N TYR B 77 -6.56 24.36 1.45
CA TYR B 77 -6.82 22.92 1.51
C TYR B 77 -5.97 22.25 2.57
N SER B 78 -6.57 21.26 3.25
CA SER B 78 -5.87 20.51 4.28
C SER B 78 -6.47 19.11 4.42
N CYS B 79 -5.80 18.26 5.19
CA CYS B 79 -6.30 16.92 5.47
C CYS B 79 -6.34 16.69 6.97
N ARG B 80 -7.46 16.19 7.46
CA ARG B 80 -7.66 15.95 8.89
C ARG B 80 -7.81 14.47 9.18
N VAL B 81 -6.97 13.97 10.08
CA VAL B 81 -6.94 12.54 10.38
C VAL B 81 -7.20 12.24 11.86
N LYS B 82 -8.16 11.36 12.11
CA LYS B 82 -8.50 10.95 13.47
C LYS B 82 -8.16 9.48 13.68
N HIS B 83 -7.36 9.20 14.70
CA HIS B 83 -6.93 7.85 15.00
C HIS B 83 -6.83 7.66 16.51
N VAL B 84 -7.07 6.44 16.97
CA VAL B 84 -7.04 6.15 18.40
C VAL B 84 -5.70 6.53 19.03
N THR B 85 -4.64 6.52 18.23
CA THR B 85 -3.32 6.87 18.72
C THR B 85 -3.12 8.34 18.91
N LEU B 86 -4.01 9.15 18.36
CA LEU B 86 -3.86 10.60 18.35
C LEU B 86 -4.77 11.27 19.36
N ASP B 87 -4.18 12.00 20.31
CA ASP B 87 -4.94 12.68 21.34
C ASP B 87 -5.94 13.66 20.73
N LYS B 88 -5.54 14.31 19.64
CA LYS B 88 -6.42 15.21 18.92
C LYS B 88 -6.18 15.09 17.41
N PRO B 89 -7.16 15.51 16.59
CA PRO B 89 -7.04 15.33 15.13
C PRO B 89 -5.72 15.86 14.60
N LYS B 90 -5.08 15.09 13.73
CA LYS B 90 -3.87 15.55 13.05
C LYS B 90 -4.28 16.25 11.77
N ILE B 91 -3.81 17.48 11.59
CA ILE B 91 -4.18 18.27 10.42
C ILE B 91 -2.95 18.72 9.67
N VAL B 92 -2.89 18.36 8.39
CA VAL B 92 -1.81 18.79 7.52
C VAL B 92 -2.37 19.63 6.39
N LYS B 93 -1.87 20.86 6.26
CA LYS B 93 -2.35 21.75 5.22
C LYS B 93 -1.59 21.55 3.91
N TRP B 94 -2.30 21.70 2.79
CA TRP B 94 -1.69 21.53 1.48
C TRP B 94 -1.04 22.81 1.00
N ASP B 95 0.08 22.67 0.30
CA ASP B 95 0.63 23.77 -0.48
C ASP B 95 1.35 23.19 -1.69
N ARG B 96 1.59 24.03 -2.69
CA ARG B 96 2.13 23.55 -3.96
C ARG B 96 3.62 23.21 -3.88
N ASP B 97 4.23 23.49 -2.72
CA ASP B 97 5.66 23.24 -2.51
C ASP B 97 5.93 22.01 -1.65
N HIS B 98 5.21 21.92 -0.54
CA HIS B 98 5.42 20.91 0.51
C HIS B 98 6.43 21.40 1.54
N THR C 1 -5.31 -15.04 -9.24
CA THR C 1 -6.28 -16.03 -8.80
C THR C 1 -6.04 -16.35 -7.34
N MET C 2 -7.09 -16.33 -6.54
CA MET C 2 -6.94 -16.71 -5.15
C MET C 2 -6.89 -18.23 -4.98
N PRO C 3 -6.29 -18.69 -3.88
CA PRO C 3 -6.24 -20.12 -3.55
C PRO C 3 -7.64 -20.71 -3.42
N PRO C 4 -7.73 -22.02 -3.48
CA PRO C 4 -8.98 -22.76 -3.47
C PRO C 4 -9.74 -22.85 -2.16
N GLY C 5 -9.07 -22.80 -1.05
CA GLY C 5 -9.68 -23.03 0.24
C GLY C 5 -8.86 -22.38 1.28
N PHE C 6 -9.45 -22.06 2.41
CA PHE C 6 -8.79 -21.34 3.45
C PHE C 6 -9.03 -21.99 4.80
N GLU C 7 -7.96 -22.23 5.53
CA GLU C 7 -7.99 -23.02 6.71
C GLU C 7 -8.52 -22.34 7.99
N LEU C 8 -9.25 -23.12 8.80
CA LEU C 8 -9.68 -22.67 10.11
C LEU C 8 -8.48 -22.64 11.06
N TYR C 9 -8.49 -21.67 11.98
CA TYR C 9 -7.46 -21.58 13.01
C TYR C 9 -7.67 -22.63 14.10
#